data_4O2H
#
_entry.id   4O2H
#
_cell.length_a   69.146
_cell.length_b   69.146
_cell.length_c   216.772
_cell.angle_alpha   90.00
_cell.angle_beta   90.00
_cell.angle_gamma   120.00
#
_symmetry.space_group_name_H-M   'P 61 2 2'
#
loop_
_entity.id
_entity.type
_entity.pdbx_description
1 polymer 'protein BCAM1869'
2 water water
#
_entity_poly.entity_id   1
_entity_poly.type   'polypeptide(L)'
_entity_poly.pdbx_seq_one_letter_code
;SNA(MSE)TSPLLHPVPGPSPDGYVRLSEGALAALVLDHVASGLDPSLLAELRDNAIDARLAGYTEWHRTAGAGVAYVTV
GWDWYLERATGTFVIAGGDVRSNV(MSE)AIDAKGADIG(MSE)LRTAAALAARLAALDWPAAVASALLGHNDAYHAGPT
LQ
;
_entity_poly.pdbx_strand_id   A,B
#
# COMPACT_ATOMS: atom_id res chain seq x y z
N THR A 5 -18.71 -5.55 1.28
CA THR A 5 -18.89 -6.73 0.43
C THR A 5 -18.28 -7.97 1.12
N SER A 6 -17.96 -9.02 0.31
CA SER A 6 -17.33 -10.25 0.79
C SER A 6 -15.88 -9.96 1.23
N PRO A 7 -15.30 -10.75 2.18
CA PRO A 7 -13.90 -10.50 2.62
C PRO A 7 -12.89 -10.52 1.48
N LEU A 8 -13.21 -11.17 0.34
CA LEU A 8 -12.34 -11.30 -0.84
C LEU A 8 -12.09 -9.94 -1.54
N LEU A 9 -12.94 -8.95 -1.26
CA LEU A 9 -12.84 -7.62 -1.84
C LEU A 9 -12.59 -6.57 -0.75
N HIS A 10 -12.25 -7.01 0.46
CA HIS A 10 -11.89 -6.12 1.57
C HIS A 10 -10.57 -5.42 1.20
N PRO A 11 -10.30 -4.16 1.65
CA PRO A 11 -9.05 -3.50 1.24
C PRO A 11 -7.78 -4.28 1.62
N VAL A 12 -6.76 -4.25 0.75
CA VAL A 12 -5.42 -4.80 1.06
C VAL A 12 -4.81 -3.77 2.02
N PRO A 13 -4.70 -4.04 3.33
CA PRO A 13 -4.16 -3.00 4.23
C PRO A 13 -2.66 -2.85 4.11
N GLY A 14 -2.20 -1.62 4.21
CA GLY A 14 -0.79 -1.33 4.25
C GLY A 14 -0.42 -1.18 5.71
N PRO A 15 0.85 -0.88 6.00
CA PRO A 15 1.23 -0.62 7.40
C PRO A 15 0.48 0.57 8.02
N SER A 16 0.63 0.75 9.33
CA SER A 16 0.19 1.96 10.02
C SER A 16 0.97 3.15 9.44
N PRO A 17 0.52 4.42 9.61
CA PRO A 17 1.27 5.56 9.02
C PRO A 17 2.75 5.62 9.42
N ASP A 18 3.12 5.08 10.62
CA ASP A 18 4.50 5.05 11.08
C ASP A 18 5.31 3.87 10.47
N GLY A 19 4.69 3.08 9.58
CA GLY A 19 5.36 1.99 8.85
C GLY A 19 5.31 0.59 9.44
N TYR A 20 4.68 0.40 10.60
CA TYR A 20 4.56 -0.93 11.21
C TYR A 20 3.19 -1.52 11.00
N VAL A 21 3.13 -2.84 10.76
CA VAL A 21 1.92 -3.69 10.69
C VAL A 21 1.65 -4.12 12.12
N ARG A 22 0.54 -3.68 12.73
CA ARG A 22 0.25 -3.98 14.13
C ARG A 22 -0.54 -5.25 14.29
N LEU A 23 0.04 -6.19 15.05
CA LEU A 23 -0.50 -7.53 15.23
C LEU A 23 -0.46 -7.94 16.69
N SER A 24 -1.54 -8.57 17.15
CA SER A 24 -1.65 -9.09 18.51
C SER A 24 -0.72 -10.28 18.73
N GLU A 25 -0.45 -10.58 20.00
CA GLU A 25 0.36 -11.69 20.49
C GLU A 25 -0.14 -13.02 19.83
N GLY A 26 -1.46 -13.21 19.78
CA GLY A 26 -2.14 -14.36 19.20
C GLY A 26 -2.03 -14.43 17.69
N ALA A 27 -2.32 -13.31 17.02
CA ALA A 27 -2.22 -13.16 15.55
C ALA A 27 -0.78 -13.47 15.05
N LEU A 28 0.22 -13.15 15.89
CA LEU A 28 1.64 -13.32 15.68
C LEU A 28 2.03 -14.78 15.86
N ALA A 29 1.39 -15.48 16.83
CA ALA A 29 1.58 -16.91 17.05
C ALA A 29 0.99 -17.75 15.88
N ALA A 30 0.10 -17.17 15.03
CA ALA A 30 -0.44 -17.87 13.86
C ALA A 30 0.10 -17.28 12.54
N LEU A 31 1.06 -16.35 12.61
CA LEU A 31 1.66 -15.71 11.43
C LEU A 31 2.24 -16.74 10.45
N VAL A 32 1.81 -16.63 9.20
CA VAL A 32 2.18 -17.51 8.10
C VAL A 32 3.37 -16.89 7.35
N LEU A 33 4.59 -17.27 7.69
CA LEU A 33 5.76 -16.73 6.98
C LEU A 33 6.37 -17.78 6.06
N ASP A 34 6.84 -17.31 4.89
CA ASP A 34 7.49 -18.11 3.88
C ASP A 34 8.90 -17.62 3.68
N HIS A 35 9.83 -18.55 3.43
CA HIS A 35 11.23 -18.24 3.18
C HIS A 35 11.33 -17.57 1.81
N VAL A 36 12.14 -16.52 1.69
CA VAL A 36 12.35 -15.76 0.46
C VAL A 36 13.80 -15.93 0.04
N ALA A 37 14.75 -15.66 0.95
CA ALA A 37 16.17 -15.75 0.60
C ALA A 37 17.04 -15.91 1.81
N SER A 38 18.14 -16.60 1.63
CA SER A 38 19.16 -16.87 2.63
C SER A 38 20.50 -16.85 1.92
N GLY A 39 21.54 -16.45 2.62
CA GLY A 39 22.88 -16.42 2.09
C GLY A 39 23.91 -16.39 3.18
N LEU A 40 25.15 -16.66 2.81
CA LEU A 40 26.26 -16.66 3.74
C LEU A 40 26.86 -15.25 3.84
N ASP A 41 27.30 -14.87 5.06
CA ASP A 41 28.01 -13.59 5.30
C ASP A 41 29.39 -13.93 5.94
N PRO A 42 30.48 -14.07 5.15
CA PRO A 42 31.81 -14.43 5.75
C PRO A 42 32.36 -13.36 6.70
N SER A 43 31.95 -12.11 6.51
CA SER A 43 32.34 -11.01 7.38
C SER A 43 31.67 -11.15 8.77
N LEU A 44 30.39 -11.53 8.81
CA LEU A 44 29.68 -11.80 10.05
C LEU A 44 30.28 -13.02 10.76
N LEU A 45 30.59 -14.10 9.98
CA LEU A 45 31.16 -15.34 10.47
C LEU A 45 32.51 -15.07 11.21
N ALA A 46 33.38 -14.25 10.60
CA ALA A 46 34.66 -13.89 11.24
C ALA A 46 34.39 -13.07 12.49
N GLU A 47 33.40 -12.18 12.40
CA GLU A 47 32.99 -11.27 13.46
C GLU A 47 32.55 -12.06 14.72
N LEU A 48 31.68 -13.08 14.56
CA LEU A 48 31.19 -13.94 15.63
C LEU A 48 32.33 -14.76 16.25
N ARG A 49 33.23 -15.32 15.39
CA ARG A 49 34.37 -16.11 15.82
C ARG A 49 35.34 -15.28 16.66
N ASP A 50 35.41 -13.97 16.39
CA ASP A 50 36.22 -12.97 17.09
C ASP A 50 35.65 -12.67 18.47
N ASN A 51 34.34 -12.94 18.64
CA ASN A 51 33.62 -12.74 19.89
C ASN A 51 33.35 -14.09 20.57
N ALA A 52 34.27 -15.07 20.38
CA ALA A 52 34.28 -16.41 21.00
C ALA A 52 33.06 -17.31 20.66
N ILE A 53 32.35 -17.04 19.56
CA ILE A 53 31.25 -17.91 19.16
C ILE A 53 31.85 -18.95 18.21
N ASP A 54 31.70 -20.26 18.52
CA ASP A 54 32.19 -21.34 17.67
C ASP A 54 31.16 -21.65 16.55
N ALA A 55 31.12 -20.79 15.52
CA ALA A 55 30.18 -20.93 14.42
C ALA A 55 30.84 -21.53 13.18
N ARG A 56 30.15 -22.48 12.56
CA ARG A 56 30.58 -23.12 11.31
C ARG A 56 30.27 -22.20 10.13
N LEU A 57 29.04 -21.63 10.11
CA LEU A 57 28.53 -20.73 9.09
C LEU A 57 27.75 -19.60 9.73
N ALA A 58 27.63 -18.47 9.02
CA ALA A 58 26.81 -17.36 9.44
C ALA A 58 26.24 -16.69 8.21
N GLY A 59 25.08 -16.09 8.37
CA GLY A 59 24.48 -15.39 7.25
C GLY A 59 23.19 -14.71 7.59
N TYR A 60 22.49 -14.32 6.53
CA TYR A 60 21.23 -13.63 6.54
C TYR A 60 20.13 -14.56 6.01
N THR A 61 18.89 -14.20 6.33
CA THR A 61 17.69 -14.84 5.84
C THR A 61 16.59 -13.79 5.86
N GLU A 62 15.73 -13.85 4.83
CA GLU A 62 14.58 -13.00 4.55
C GLU A 62 13.33 -13.85 4.33
N TRP A 63 12.26 -13.53 5.06
CA TRP A 63 10.99 -14.24 5.09
C TRP A 63 9.86 -13.22 4.91
N HIS A 64 8.71 -13.66 4.39
CA HIS A 64 7.61 -12.72 4.19
C HIS A 64 6.26 -13.43 4.23
N ARG A 65 5.23 -12.63 4.45
CA ARG A 65 3.82 -13.02 4.37
C ARG A 65 3.25 -12.14 3.33
N THR A 66 2.81 -12.76 2.22
CA THR A 66 2.28 -12.03 1.06
C THR A 66 0.97 -11.28 1.41
N ALA A 67 0.74 -10.13 0.73
CA ALA A 67 -0.44 -9.32 0.93
C ALA A 67 -1.66 -9.97 0.27
N GLY A 68 -2.83 -9.65 0.81
CA GLY A 68 -4.14 -10.12 0.37
C GLY A 68 -5.21 -9.29 1.04
N ALA A 69 -6.49 -9.55 0.74
CA ALA A 69 -7.61 -8.83 1.32
C ALA A 69 -7.61 -8.95 2.84
N GLY A 70 -7.50 -7.82 3.53
CA GLY A 70 -7.47 -7.75 4.99
C GLY A 70 -6.22 -8.36 5.62
N VAL A 71 -5.17 -8.63 4.79
CA VAL A 71 -3.90 -9.23 5.18
C VAL A 71 -2.74 -8.34 4.65
N ALA A 72 -2.03 -7.68 5.57
CA ALA A 72 -0.93 -6.80 5.16
C ALA A 72 0.34 -7.60 4.84
N TYR A 73 1.19 -7.03 3.98
CA TYR A 73 2.48 -7.61 3.63
C TYR A 73 3.40 -7.51 4.83
N VAL A 74 3.95 -8.64 5.27
CA VAL A 74 4.83 -8.70 6.43
C VAL A 74 6.23 -9.19 5.98
N THR A 75 7.32 -8.49 6.40
CA THR A 75 8.74 -8.88 6.16
C THR A 75 9.43 -9.13 7.48
N VAL A 76 10.20 -10.18 7.54
CA VAL A 76 10.94 -10.61 8.73
C VAL A 76 12.26 -11.15 8.24
N GLY A 77 13.33 -10.54 8.74
CA GLY A 77 14.69 -10.93 8.40
C GLY A 77 15.57 -10.94 9.62
N TRP A 78 16.61 -11.74 9.58
CA TRP A 78 17.53 -11.85 10.70
C TRP A 78 18.84 -12.45 10.23
N ASP A 79 19.84 -12.31 11.09
CA ASP A 79 21.16 -12.95 10.97
C ASP A 79 21.15 -14.22 11.78
N TRP A 80 21.77 -15.26 11.22
CA TRP A 80 21.85 -16.56 11.90
C TRP A 80 23.29 -17.08 11.89
N TYR A 81 23.56 -18.09 12.70
CA TYR A 81 24.81 -18.81 12.69
C TYR A 81 24.51 -20.25 12.96
N LEU A 82 25.36 -21.10 12.43
CA LEU A 82 25.27 -22.52 12.62
C LEU A 82 26.38 -22.94 13.59
N GLU A 83 26.02 -23.42 14.79
CA GLU A 83 26.98 -23.88 15.80
C GLU A 83 27.73 -25.11 15.31
N ARG A 84 29.04 -25.14 15.57
CA ARG A 84 29.86 -26.26 15.18
C ARG A 84 29.52 -27.49 16.05
N ALA A 85 29.46 -27.31 17.38
CA ALA A 85 29.27 -28.36 18.39
C ALA A 85 28.01 -29.19 18.20
N THR A 86 26.88 -28.52 18.17
CA THR A 86 25.55 -29.07 18.18
C THR A 86 24.90 -29.20 16.82
N GLY A 87 25.35 -28.42 15.85
CA GLY A 87 24.71 -28.38 14.53
C GLY A 87 23.42 -27.59 14.60
N THR A 88 23.25 -26.79 15.66
CA THR A 88 22.02 -26.02 15.83
C THR A 88 22.14 -24.62 15.22
N PHE A 89 21.09 -24.21 14.50
CA PHE A 89 20.94 -22.88 13.94
C PHE A 89 20.44 -21.96 15.00
N VAL A 90 21.03 -20.76 15.08
CA VAL A 90 20.79 -19.77 16.11
C VAL A 90 20.50 -18.41 15.48
N ILE A 91 19.49 -17.68 15.99
CA ILE A 91 19.21 -16.29 15.65
C ILE A 91 20.22 -15.47 16.42
N ALA A 92 21.16 -14.84 15.73
CA ALA A 92 22.22 -14.05 16.31
C ALA A 92 21.66 -12.88 17.17
N GLY A 93 21.92 -12.93 18.47
CA GLY A 93 21.49 -11.95 19.46
C GLY A 93 19.98 -11.91 19.72
N GLY A 94 19.25 -12.86 19.11
CA GLY A 94 17.79 -12.93 19.14
C GLY A 94 17.20 -11.74 18.40
N ASP A 95 18.04 -10.99 17.64
CA ASP A 95 17.65 -9.80 16.89
C ASP A 95 16.88 -10.18 15.65
N VAL A 96 15.72 -9.58 15.45
CA VAL A 96 14.85 -9.87 14.31
C VAL A 96 14.42 -8.54 13.76
N ARG A 97 14.66 -8.33 12.45
CA ARG A 97 14.24 -7.12 11.77
C ARG A 97 12.95 -7.42 11.02
N SER A 98 11.93 -6.54 11.18
CA SER A 98 10.63 -6.70 10.53
C SER A 98 9.92 -5.38 10.38
N ASN A 99 8.72 -5.43 9.77
CA ASN A 99 7.81 -4.28 9.62
C ASN A 99 6.65 -4.46 10.57
N VAL A 100 6.86 -5.27 11.62
CA VAL A 100 5.84 -5.58 12.62
C VAL A 100 6.07 -4.85 13.93
N MSE A 101 4.97 -4.39 14.53
CA MSE A 101 4.90 -3.90 15.90
C MSE A 101 3.85 -4.73 16.62
O MSE A 101 2.68 -4.73 16.21
CB MSE A 101 4.61 -2.38 15.99
CG MSE A 101 4.43 -1.90 17.40
SE MSE A 101 5.98 -2.21 18.54
CE MSE A 101 7.11 -0.81 17.92
N ALA A 102 4.28 -5.48 17.64
CA ALA A 102 3.34 -6.27 18.44
C ALA A 102 2.62 -5.39 19.45
N ILE A 103 1.32 -5.59 19.54
CA ILE A 103 0.45 -4.82 20.41
C ILE A 103 -0.12 -5.72 21.51
N ASP A 104 -0.58 -5.12 22.63
CA ASP A 104 -1.16 -5.90 23.72
C ASP A 104 -2.70 -5.99 23.59
N ALA A 105 -3.35 -6.51 24.64
CA ALA A 105 -4.81 -6.69 24.77
C ALA A 105 -5.58 -5.38 24.64
N LYS A 106 -4.97 -4.26 25.12
CA LYS A 106 -5.59 -2.93 25.06
C LYS A 106 -5.28 -2.23 23.72
N GLY A 107 -4.44 -2.85 22.88
CA GLY A 107 -4.07 -2.34 21.56
C GLY A 107 -2.85 -1.44 21.53
N ALA A 108 -2.19 -1.30 22.69
CA ALA A 108 -0.99 -0.50 22.88
C ALA A 108 0.24 -1.29 22.45
N ASP A 109 1.24 -0.60 21.88
CA ASP A 109 2.50 -1.19 21.43
C ASP A 109 3.25 -1.82 22.58
N ILE A 110 4.00 -2.90 22.31
CA ILE A 110 4.77 -3.53 23.39
C ILE A 110 6.26 -3.36 23.13
N GLY A 111 6.60 -2.61 22.07
CA GLY A 111 7.98 -2.28 21.72
C GLY A 111 8.75 -3.35 20.96
N MSE A 112 9.87 -2.91 20.35
CA MSE A 112 10.79 -3.69 19.50
C MSE A 112 11.22 -5.00 20.12
O MSE A 112 11.21 -6.01 19.42
CB MSE A 112 12.06 -2.89 19.17
CG MSE A 112 11.78 -1.53 18.56
SE MSE A 112 10.46 -1.65 17.18
CE MSE A 112 11.65 -2.12 15.69
N LEU A 113 11.66 -4.97 21.40
CA LEU A 113 12.27 -6.11 22.12
C LEU A 113 11.28 -7.25 22.34
N ARG A 114 10.03 -6.92 22.70
CA ARG A 114 9.00 -7.95 22.91
C ARG A 114 8.45 -8.42 21.56
N THR A 115 8.49 -7.54 20.53
CA THR A 115 8.05 -7.87 19.18
C THR A 115 9.01 -8.92 18.57
N ALA A 116 10.34 -8.64 18.66
CA ALA A 116 11.37 -9.51 18.11
C ALA A 116 11.31 -10.88 18.78
N ALA A 117 10.99 -10.90 20.08
CA ALA A 117 10.90 -12.11 20.88
C ALA A 117 9.73 -12.96 20.44
N ALA A 118 8.56 -12.34 20.20
CA ALA A 118 7.37 -13.05 19.73
C ALA A 118 7.62 -13.57 18.32
N LEU A 119 8.33 -12.81 17.47
CA LEU A 119 8.64 -13.29 16.12
C LEU A 119 9.64 -14.42 16.13
N ALA A 120 10.72 -14.34 16.97
CA ALA A 120 11.75 -15.40 17.06
C ALA A 120 11.09 -16.72 17.50
N ALA A 121 10.08 -16.65 18.41
CA ALA A 121 9.27 -17.79 18.88
C ALA A 121 8.39 -18.35 17.73
N ARG A 122 7.71 -17.47 16.97
CA ARG A 122 6.93 -17.98 15.83
C ARG A 122 7.87 -18.65 14.80
N LEU A 123 9.06 -18.07 14.58
CA LEU A 123 10.02 -18.62 13.61
C LEU A 123 10.45 -20.02 14.00
N ALA A 124 10.66 -20.29 15.29
CA ALA A 124 11.06 -21.62 15.78
C ALA A 124 9.96 -22.67 15.56
N ALA A 125 8.68 -22.25 15.69
CA ALA A 125 7.50 -23.09 15.43
C ALA A 125 7.39 -23.34 13.92
N LEU A 126 7.95 -22.45 13.07
CA LEU A 126 7.90 -22.64 11.62
C LEU A 126 9.11 -23.45 11.12
N ASP A 127 9.98 -23.91 12.05
CA ASP A 127 11.18 -24.70 11.75
C ASP A 127 12.02 -23.95 10.71
N TRP A 128 12.25 -22.64 10.98
CA TRP A 128 13.03 -21.80 10.10
C TRP A 128 14.40 -22.44 9.73
N PRO A 129 15.15 -23.17 10.60
CA PRO A 129 16.43 -23.73 10.14
C PRO A 129 16.32 -24.68 8.93
N ALA A 130 15.21 -25.43 8.82
CA ALA A 130 15.06 -26.39 7.69
C ALA A 130 15.06 -25.64 6.34
N ALA A 131 14.31 -24.52 6.22
CA ALA A 131 14.27 -23.78 4.95
C ALA A 131 15.55 -22.98 4.68
N VAL A 132 16.25 -22.50 5.70
CA VAL A 132 17.52 -21.80 5.51
C VAL A 132 18.58 -22.78 4.96
N ALA A 133 18.74 -23.95 5.59
CA ALA A 133 19.75 -24.95 5.15
C ALA A 133 19.45 -25.42 3.73
N SER A 134 18.17 -25.62 3.44
CA SER A 134 17.68 -26.03 2.13
C SER A 134 18.08 -25.01 1.06
N ALA A 135 17.85 -23.70 1.33
CA ALA A 135 18.20 -22.65 0.37
C ALA A 135 19.70 -22.59 0.16
N LEU A 136 20.46 -22.73 1.26
CA LEU A 136 21.94 -22.70 1.23
C LEU A 136 22.49 -23.80 0.34
N LEU A 137 21.82 -24.96 0.30
CA LEU A 137 22.22 -26.06 -0.56
C LEU A 137 21.85 -25.74 -2.02
N GLY A 138 20.71 -25.08 -2.24
CA GLY A 138 20.24 -24.67 -3.56
C GLY A 138 21.16 -23.73 -4.32
N HIS A 139 21.91 -22.89 -3.60
CA HIS A 139 22.86 -21.90 -4.14
C HIS A 139 24.09 -22.51 -4.80
N ASN A 140 24.50 -23.72 -4.37
CA ASN A 140 25.68 -24.40 -4.91
C ASN A 140 25.41 -25.03 -6.29
N ASP A 141 24.16 -24.92 -6.79
CA ASP A 141 23.68 -25.48 -8.06
C ASP A 141 23.76 -24.46 -9.19
N SER B 6 -5.69 2.75 18.70
CA SER B 6 -5.96 4.15 18.38
C SER B 6 -6.16 4.37 16.87
N PRO B 7 -7.06 5.28 16.43
CA PRO B 7 -7.25 5.52 14.99
C PRO B 7 -6.04 6.17 14.31
N LEU B 8 -5.14 6.80 15.08
CA LEU B 8 -3.89 7.43 14.60
C LEU B 8 -2.94 6.40 13.98
N LEU B 9 -2.91 5.20 14.58
CA LEU B 9 -2.03 4.08 14.21
C LEU B 9 -2.79 2.97 13.48
N HIS B 10 -3.98 3.28 12.90
CA HIS B 10 -4.77 2.32 12.12
C HIS B 10 -4.05 2.01 10.79
N PRO B 11 -4.24 0.80 10.19
CA PRO B 11 -3.61 0.55 8.89
C PRO B 11 -4.03 1.59 7.85
N VAL B 12 -3.09 1.98 6.99
CA VAL B 12 -3.34 2.84 5.86
C VAL B 12 -3.91 1.88 4.81
N PRO B 13 -5.25 1.86 4.55
CA PRO B 13 -5.78 0.88 3.61
C PRO B 13 -5.35 1.16 2.18
N GLY B 14 -5.13 0.10 1.42
CA GLY B 14 -4.83 0.22 0.00
C GLY B 14 -6.11 -0.22 -0.73
N PRO B 15 -6.10 -0.33 -2.09
CA PRO B 15 -7.31 -0.82 -2.78
C PRO B 15 -7.59 -2.30 -2.51
N SER B 16 -8.77 -2.78 -2.97
CA SER B 16 -9.15 -4.20 -2.95
C SER B 16 -8.25 -4.91 -3.97
N PRO B 17 -8.14 -6.26 -3.95
CA PRO B 17 -7.23 -6.92 -4.91
C PRO B 17 -7.43 -6.56 -6.40
N ASP B 18 -8.66 -6.14 -6.80
CA ASP B 18 -8.93 -5.72 -8.19
C ASP B 18 -8.26 -4.34 -8.53
N GLY B 19 -7.86 -3.59 -7.51
CA GLY B 19 -7.22 -2.29 -7.68
C GLY B 19 -8.17 -1.13 -7.48
N TYR B 20 -9.42 -1.45 -7.06
CA TYR B 20 -10.45 -0.47 -6.80
C TYR B 20 -10.62 -0.27 -5.31
N VAL B 21 -10.88 1.01 -4.93
CA VAL B 21 -11.20 1.51 -3.61
C VAL B 21 -12.73 1.48 -3.55
N ARG B 22 -13.29 0.74 -2.57
CA ARG B 22 -14.73 0.60 -2.47
C ARG B 22 -15.28 1.56 -1.47
N LEU B 23 -16.19 2.42 -1.96
CA LEU B 23 -16.84 3.45 -1.16
C LEU B 23 -18.36 3.34 -1.22
N SER B 24 -19.02 3.59 -0.08
CA SER B 24 -20.48 3.67 0.02
C SER B 24 -20.93 4.97 -0.66
N GLU B 25 -22.21 5.08 -1.06
CA GLU B 25 -22.72 6.31 -1.70
C GLU B 25 -22.53 7.56 -0.81
N GLY B 26 -22.63 7.38 0.52
CA GLY B 26 -22.41 8.44 1.51
C GLY B 26 -20.95 8.89 1.58
N ALA B 27 -20.00 7.92 1.74
CA ALA B 27 -18.54 8.15 1.76
C ALA B 27 -18.08 8.83 0.47
N LEU B 28 -18.58 8.33 -0.70
CA LEU B 28 -18.34 8.89 -2.05
C LEU B 28 -18.89 10.34 -2.11
N ALA B 29 -20.06 10.58 -1.48
CA ALA B 29 -20.66 11.92 -1.45
C ALA B 29 -19.90 12.88 -0.53
N ALA B 30 -19.17 12.37 0.47
CA ALA B 30 -18.41 13.21 1.43
C ALA B 30 -16.91 13.27 1.05
N LEU B 31 -16.57 12.72 -0.14
CA LEU B 31 -15.22 12.62 -0.67
C LEU B 31 -14.58 14.00 -0.88
N VAL B 32 -13.51 14.26 -0.12
CA VAL B 32 -12.73 15.50 -0.17
C VAL B 32 -11.59 15.31 -1.20
N LEU B 33 -11.75 15.89 -2.39
CA LEU B 33 -10.77 15.83 -3.47
C LEU B 33 -9.93 17.12 -3.59
N ASP B 34 -8.60 16.97 -3.79
CA ASP B 34 -7.68 18.10 -3.96
C ASP B 34 -7.15 18.11 -5.38
N HIS B 35 -6.93 19.31 -5.91
CA HIS B 35 -6.47 19.43 -7.27
C HIS B 35 -5.00 19.03 -7.35
N VAL B 36 -4.62 18.26 -8.36
CA VAL B 36 -3.23 17.82 -8.59
C VAL B 36 -2.68 18.54 -9.82
N ALA B 37 -3.34 18.37 -10.99
CA ALA B 37 -2.87 18.95 -12.23
C ALA B 37 -4.00 19.11 -13.23
N SER B 38 -3.85 20.08 -14.11
CA SER B 38 -4.73 20.43 -15.21
C SER B 38 -3.86 20.91 -16.35
N GLY B 39 -4.34 20.73 -17.57
CA GLY B 39 -3.64 21.18 -18.75
C GLY B 39 -4.50 21.17 -19.99
N LEU B 40 -4.08 21.97 -20.98
CA LEU B 40 -4.76 22.09 -22.26
C LEU B 40 -4.40 20.92 -23.15
N ASP B 41 -5.41 20.43 -23.87
CA ASP B 41 -5.28 19.34 -24.84
C ASP B 41 -5.80 19.87 -26.20
N PRO B 42 -4.91 20.45 -27.07
CA PRO B 42 -5.38 21.02 -28.35
C PRO B 42 -6.00 20.02 -29.32
N SER B 43 -5.66 18.72 -29.21
CA SER B 43 -6.22 17.64 -30.04
C SER B 43 -7.66 17.35 -29.62
N LEU B 44 -7.93 17.34 -28.29
CA LEU B 44 -9.25 17.08 -27.70
C LEU B 44 -10.20 18.19 -28.12
N LEU B 45 -9.70 19.45 -28.14
CA LEU B 45 -10.43 20.65 -28.54
C LEU B 45 -10.86 20.54 -30.01
N ALA B 46 -9.92 20.12 -30.91
CA ALA B 46 -10.19 19.88 -32.33
C ALA B 46 -11.21 18.76 -32.49
N GLU B 47 -11.04 17.67 -31.69
CA GLU B 47 -11.90 16.48 -31.66
C GLU B 47 -13.35 16.85 -31.30
N LEU B 48 -13.54 17.78 -30.34
CA LEU B 48 -14.87 18.19 -29.89
C LEU B 48 -15.50 19.19 -30.85
N ARG B 49 -14.70 20.13 -31.40
CA ARG B 49 -15.16 21.16 -32.36
C ARG B 49 -15.71 20.50 -33.63
N ASP B 50 -15.10 19.36 -34.05
CA ASP B 50 -15.52 18.59 -35.23
C ASP B 50 -16.73 17.71 -34.88
N ASN B 51 -17.01 17.50 -33.57
CA ASN B 51 -18.15 16.71 -33.11
C ASN B 51 -19.30 17.63 -32.60
N ALA B 52 -19.40 18.84 -33.21
CA ALA B 52 -20.43 19.88 -33.00
C ALA B 52 -20.45 20.51 -31.57
N ILE B 53 -19.40 20.31 -30.77
CA ILE B 53 -19.32 20.94 -29.44
C ILE B 53 -18.57 22.27 -29.64
N ASP B 54 -19.22 23.40 -29.26
CA ASP B 54 -18.71 24.77 -29.40
C ASP B 54 -17.81 25.14 -28.19
N ALA B 55 -16.59 24.59 -28.17
CA ALA B 55 -15.67 24.81 -27.07
C ALA B 55 -14.53 25.78 -27.42
N ARG B 56 -14.20 26.66 -26.46
CA ARG B 56 -13.10 27.63 -26.54
C ARG B 56 -11.76 26.94 -26.24
N LEU B 57 -11.78 26.06 -25.20
CA LEU B 57 -10.67 25.25 -24.70
C LEU B 57 -11.12 23.87 -24.26
N ALA B 58 -10.15 22.95 -24.17
CA ALA B 58 -10.36 21.58 -23.75
C ALA B 58 -9.08 21.06 -23.11
N GLY B 59 -9.23 20.07 -22.26
CA GLY B 59 -8.07 19.53 -21.58
C GLY B 59 -8.43 18.54 -20.52
N TYR B 60 -7.40 18.10 -19.79
CA TYR B 60 -7.46 17.10 -18.74
C TYR B 60 -7.38 17.78 -17.37
N THR B 61 -7.78 17.03 -16.34
CA THR B 61 -7.63 17.45 -14.94
C THR B 61 -7.51 16.19 -14.07
N GLU B 62 -6.60 16.25 -13.10
CA GLU B 62 -6.34 15.18 -12.16
C GLU B 62 -6.54 15.66 -10.73
N TRP B 63 -7.22 14.84 -9.91
CA TRP B 63 -7.54 15.15 -8.52
C TRP B 63 -7.28 13.93 -7.60
N HIS B 64 -7.09 14.19 -6.29
CA HIS B 64 -6.84 13.06 -5.40
C HIS B 64 -7.24 13.34 -3.97
N ARG B 65 -7.36 12.27 -3.20
CA ARG B 65 -7.58 12.31 -1.76
C ARG B 65 -6.45 11.54 -1.15
N THR B 66 -5.54 12.26 -0.46
CA THR B 66 -4.32 11.66 0.12
C THR B 66 -4.68 10.60 1.18
N ALA B 67 -3.87 9.52 1.25
CA ALA B 67 -4.07 8.42 2.16
C ALA B 67 -3.73 8.83 3.58
N GLY B 68 -4.18 8.04 4.54
CA GLY B 68 -3.90 8.21 5.97
C GLY B 68 -4.42 7.01 6.74
N ALA B 69 -4.26 6.99 8.07
CA ALA B 69 -4.75 5.87 8.91
C ALA B 69 -6.24 5.69 8.69
N GLY B 70 -6.62 4.54 8.15
CA GLY B 70 -8.01 4.17 7.85
C GLY B 70 -8.64 4.89 6.67
N VAL B 71 -7.81 5.61 5.86
CA VAL B 71 -8.27 6.38 4.70
C VAL B 71 -7.39 6.00 3.49
N ALA B 72 -8.03 5.46 2.43
CA ALA B 72 -7.28 5.02 1.24
C ALA B 72 -7.07 6.17 0.26
N TYR B 73 -5.98 6.09 -0.50
CA TYR B 73 -5.63 7.03 -1.56
C TYR B 73 -6.61 6.88 -2.72
N VAL B 74 -7.28 7.96 -3.11
CA VAL B 74 -8.27 7.92 -4.20
C VAL B 74 -7.84 8.89 -5.30
N THR B 75 -7.85 8.44 -6.58
CA THR B 75 -7.55 9.27 -7.75
C THR B 75 -8.80 9.48 -8.58
N VAL B 76 -9.07 10.71 -9.00
CA VAL B 76 -10.21 11.07 -9.84
C VAL B 76 -9.72 12.05 -10.92
N GLY B 77 -9.92 11.66 -12.16
CA GLY B 77 -9.56 12.42 -13.34
C GLY B 77 -10.68 12.40 -14.37
N TRP B 78 -10.73 13.44 -15.18
CA TRP B 78 -11.70 13.58 -16.25
C TRP B 78 -11.19 14.59 -17.26
N ASP B 79 -11.80 14.57 -18.45
CA ASP B 79 -11.55 15.58 -19.49
C ASP B 79 -12.60 16.65 -19.30
N TRP B 80 -12.27 17.91 -19.63
CA TRP B 80 -13.18 19.05 -19.46
C TRP B 80 -13.17 19.92 -20.70
N TYR B 81 -14.21 20.74 -20.84
CA TYR B 81 -14.29 21.72 -21.91
C TYR B 81 -14.96 22.98 -21.41
N LEU B 82 -14.55 24.08 -22.02
CA LEU B 82 -15.00 25.44 -21.76
C LEU B 82 -15.95 25.86 -22.89
N GLU B 83 -17.27 25.79 -22.60
CA GLU B 83 -18.37 26.14 -23.52
C GLU B 83 -18.30 27.64 -23.87
N ARG B 84 -18.44 27.97 -25.17
CA ARG B 84 -18.35 29.34 -25.65
C ARG B 84 -19.53 30.21 -25.20
N ALA B 85 -20.76 29.71 -25.37
CA ALA B 85 -22.00 30.43 -25.06
C ALA B 85 -22.13 30.83 -23.58
N THR B 86 -21.54 30.05 -22.67
CA THR B 86 -21.68 30.29 -21.24
C THR B 86 -20.38 30.71 -20.56
N GLY B 87 -19.25 30.16 -21.01
CA GLY B 87 -17.96 30.41 -20.39
C GLY B 87 -17.75 29.58 -19.14
N THR B 88 -18.61 28.56 -18.95
CA THR B 88 -18.55 27.64 -17.81
C THR B 88 -17.83 26.36 -18.17
N PHE B 89 -17.21 25.72 -17.17
CA PHE B 89 -16.50 24.46 -17.34
C PHE B 89 -17.46 23.25 -17.23
N VAL B 90 -17.29 22.23 -18.13
CA VAL B 90 -18.11 21.02 -18.25
C VAL B 90 -17.24 19.74 -18.33
N ILE B 91 -17.68 18.67 -17.63
CA ILE B 91 -17.04 17.34 -17.69
C ILE B 91 -17.38 16.77 -19.06
N ALA B 92 -16.39 16.75 -19.96
CA ALA B 92 -16.53 16.25 -21.33
C ALA B 92 -16.88 14.75 -21.33
N GLY B 93 -17.95 14.43 -22.06
CA GLY B 93 -18.49 13.08 -22.23
C GLY B 93 -18.91 12.35 -20.97
N GLY B 94 -19.05 13.10 -19.86
CA GLY B 94 -19.40 12.56 -18.54
C GLY B 94 -18.47 11.48 -18.00
N ASP B 95 -17.41 11.14 -18.77
CA ASP B 95 -16.44 10.08 -18.45
C ASP B 95 -15.51 10.52 -17.31
N VAL B 96 -15.55 9.77 -16.20
CA VAL B 96 -14.74 10.00 -15.01
C VAL B 96 -13.86 8.78 -14.78
N ARG B 97 -12.52 8.99 -14.85
CA ARG B 97 -11.51 7.97 -14.61
C ARG B 97 -11.11 8.06 -13.17
N SER B 98 -11.15 6.94 -12.45
CA SER B 98 -10.85 6.88 -11.03
C SER B 98 -10.42 5.44 -10.62
N ASN B 99 -10.03 5.27 -9.33
CA ASN B 99 -9.66 3.98 -8.76
C ASN B 99 -10.75 3.55 -7.74
N VAL B 100 -11.98 4.05 -7.94
CA VAL B 100 -13.14 3.85 -7.07
C VAL B 100 -14.23 2.99 -7.72
N MSE B 101 -14.83 2.12 -6.89
CA MSE B 101 -15.98 1.24 -7.16
C MSE B 101 -17.01 1.50 -6.08
O MSE B 101 -16.72 1.28 -4.89
CB MSE B 101 -15.57 -0.24 -7.19
CG MSE B 101 -16.72 -1.17 -7.60
SE MSE B 101 -17.48 -0.71 -9.34
CE MSE B 101 -15.99 -1.19 -10.51
N ALA B 102 -18.18 2.00 -6.47
CA ALA B 102 -19.27 2.33 -5.56
C ALA B 102 -19.99 1.07 -5.04
N ILE B 103 -20.36 1.12 -3.74
CA ILE B 103 -21.09 0.08 -3.00
C ILE B 103 -22.21 0.76 -2.18
N ALA B 108 -22.15 -4.09 -2.16
CA ALA B 108 -22.37 -4.66 -3.49
C ALA B 108 -21.96 -3.69 -4.62
N ASP B 109 -21.14 -4.19 -5.59
CA ASP B 109 -20.62 -3.44 -6.75
C ASP B 109 -21.70 -2.91 -7.71
N ILE B 110 -21.67 -1.58 -7.92
CA ILE B 110 -22.61 -0.77 -8.71
C ILE B 110 -22.14 -0.60 -10.20
N GLY B 111 -20.89 -0.95 -10.50
CA GLY B 111 -20.35 -0.90 -11.84
C GLY B 111 -19.60 0.38 -12.20
N MSE B 112 -18.65 0.27 -13.16
CA MSE B 112 -17.81 1.37 -13.66
C MSE B 112 -18.64 2.57 -14.18
O MSE B 112 -18.38 3.71 -13.79
CB MSE B 112 -16.88 0.86 -14.77
CG MSE B 112 -15.43 0.66 -14.33
SE MSE B 112 -14.32 -0.10 -15.77
CE MSE B 112 -14.26 1.41 -17.00
N LEU B 113 -19.64 2.28 -15.03
CA LEU B 113 -20.52 3.26 -15.67
C LEU B 113 -21.42 4.00 -14.64
N ARG B 114 -21.95 3.28 -13.62
CA ARG B 114 -22.82 3.88 -12.60
C ARG B 114 -22.00 4.60 -11.51
N THR B 115 -20.78 4.11 -11.19
CA THR B 115 -19.89 4.73 -10.20
C THR B 115 -19.41 6.09 -10.74
N ALA B 116 -19.10 6.15 -12.06
CA ALA B 116 -18.66 7.37 -12.77
C ALA B 116 -19.73 8.46 -12.67
N ALA B 117 -21.02 8.06 -12.81
CA ALA B 117 -22.18 8.95 -12.70
C ALA B 117 -22.28 9.53 -11.29
N ALA B 118 -22.08 8.69 -10.24
CA ALA B 118 -22.11 9.09 -8.82
C ALA B 118 -20.97 10.05 -8.47
N LEU B 119 -19.81 9.90 -9.17
CA LEU B 119 -18.65 10.78 -8.99
C LEU B 119 -18.94 12.11 -9.67
N ALA B 120 -19.50 12.07 -10.91
CA ALA B 120 -19.91 13.27 -11.66
C ALA B 120 -20.87 14.13 -10.82
N ALA B 121 -21.70 13.46 -10.00
CA ALA B 121 -22.63 14.09 -9.06
C ALA B 121 -21.87 14.78 -7.91
N ARG B 122 -20.76 14.15 -7.44
CA ARG B 122 -19.94 14.70 -6.36
C ARG B 122 -19.16 15.91 -6.86
N LEU B 123 -18.77 15.88 -8.15
CA LEU B 123 -18.00 16.91 -8.81
C LEU B 123 -18.84 18.16 -9.08
N ALA B 124 -20.15 17.94 -9.34
CA ALA B 124 -21.15 18.99 -9.55
C ALA B 124 -21.18 19.90 -8.31
N ALA B 125 -21.17 19.29 -7.11
CA ALA B 125 -21.21 19.98 -5.82
C ALA B 125 -19.81 20.21 -5.21
N LEU B 126 -18.75 20.42 -6.04
CA LEU B 126 -17.37 20.56 -5.54
C LEU B 126 -16.59 21.86 -5.91
N ASP B 127 -16.92 22.50 -7.05
CA ASP B 127 -16.25 23.68 -7.63
C ASP B 127 -14.84 23.37 -8.08
N TRP B 128 -14.73 22.40 -8.99
CA TRP B 128 -13.50 22.04 -9.66
C TRP B 128 -13.13 23.10 -10.76
N PRO B 129 -14.08 23.78 -11.45
CA PRO B 129 -13.68 24.77 -12.46
C PRO B 129 -12.76 25.88 -11.92
N ALA B 130 -12.96 26.31 -10.66
CA ALA B 130 -12.14 27.36 -10.05
C ALA B 130 -10.68 26.86 -9.94
N ALA B 131 -10.48 25.60 -9.54
CA ALA B 131 -9.13 25.02 -9.45
C ALA B 131 -8.49 24.82 -10.86
N VAL B 132 -9.29 24.42 -11.87
CA VAL B 132 -8.77 24.21 -13.25
C VAL B 132 -8.30 25.54 -13.85
N ALA B 133 -9.19 26.55 -13.82
CA ALA B 133 -8.95 27.88 -14.37
C ALA B 133 -7.70 28.50 -13.73
N SER B 134 -7.59 28.38 -12.41
CA SER B 134 -6.48 28.86 -11.62
C SER B 134 -5.17 28.17 -12.04
N ALA B 135 -5.21 26.84 -12.29
CA ALA B 135 -4.00 26.12 -12.70
C ALA B 135 -3.59 26.50 -14.15
N LEU B 136 -4.60 26.75 -15.00
CA LEU B 136 -4.39 27.14 -16.38
C LEU B 136 -3.69 28.50 -16.48
N LEU B 137 -4.01 29.41 -15.56
CA LEU B 137 -3.42 30.74 -15.47
C LEU B 137 -1.99 30.68 -14.92
N GLY B 138 -1.73 29.75 -14.01
CA GLY B 138 -0.43 29.54 -13.41
C GLY B 138 0.65 29.05 -14.37
N HIS B 139 0.24 28.34 -15.46
CA HIS B 139 1.15 27.77 -16.48
C HIS B 139 1.80 28.88 -17.34
N ASN B 140 1.12 30.05 -17.49
CA ASN B 140 1.60 31.20 -18.26
C ASN B 140 2.70 32.00 -17.54
N ASP B 141 3.02 31.65 -16.26
CA ASP B 141 4.03 32.31 -15.43
C ASP B 141 5.36 31.58 -15.47
#